data_7PNA
#
_entry.id   7PNA
#
_cell.length_a   51.466
_cell.length_b   58.082
_cell.length_c   61.198
_cell.angle_alpha   90.000
_cell.angle_beta   109.930
_cell.angle_gamma   90.000
#
_symmetry.space_group_name_H-M   'P 1 21 1'
#
loop_
_entity.id
_entity.type
_entity.pdbx_description
1 polymer 'Aromatic peroxygenase'
2 non-polymer 'PHOSPHATE ION'
3 non-polymer 'PROTOPORPHYRIN IX CONTAINING FE'
4 non-polymer 'MAGNESIUM ION'
5 non-polymer 'CHLORIDE ION'
6 non-polymer 2-acetamido-2-deoxy-beta-D-glucopyranose
7 non-polymer '12-methoxylauric acid'
8 water water
#
_entity_poly.entity_id   1
_entity_poly.type   'polypeptide(L)'
_entity_poly.pdbx_seq_one_letter_code
;EPGLPPGPLENSSAKLVNDEAHPWKPLRPGDIRGPCPGLNTLASHGYLPRNGVATPAQIINAVQEGFNFDNQAAIFLTYA
AHLVDGNLITDLLSIGRKTRLTGPDPPPPASVGGLNEHGTFEGDASMTRGDAFFGNNHDFNETLFEQLVDYSNRFGGGKY
NLTVAGELRFKRIQDSIATNPNFSFVDFRFFTAYGETTFPANLFVDGRRDDGQLDMDAARSFFQFSRMPDDFFRAPSPRS
GTGVEVVVQAHPMQPGRNVGKINSYTVDPTSSDFSTPCLMYEKFVNITVKSLYPNPTVQLRKALNTNLDFLFQGVAAGCT
QVFPYGRD
;
_entity_poly.pdbx_strand_id   A
#
loop_
_chem_comp.id
_chem_comp.type
_chem_comp.name
_chem_comp.formula
7UT non-polymer '12-methoxylauric acid' 'C13 H26 O3'
CL non-polymer 'CHLORIDE ION' 'Cl -1'
HEM non-polymer 'PROTOPORPHYRIN IX CONTAINING FE' 'C34 H32 Fe N4 O4'
MG non-polymer 'MAGNESIUM ION' 'Mg 2'
NAG D-saccharide, beta linking 2-acetamido-2-deoxy-beta-D-glucopyranose 'C8 H15 N O6'
PO4 non-polymer 'PHOSPHATE ION' 'O4 P -3'
#
# COMPACT_ATOMS: atom_id res chain seq x y z
N GLY A 3 -4.70 19.83 -5.12
CA GLY A 3 -3.57 20.68 -4.64
C GLY A 3 -2.23 20.05 -5.01
N LEU A 4 -1.13 20.78 -4.88
CA LEU A 4 0.20 20.24 -5.23
C LEU A 4 0.57 19.13 -4.26
N PRO A 5 1.41 18.16 -4.65
CA PRO A 5 1.96 17.20 -3.68
C PRO A 5 2.73 17.94 -2.60
N PRO A 6 2.47 17.66 -1.31
CA PRO A 6 3.30 18.23 -0.25
C PRO A 6 4.79 17.86 -0.44
N GLY A 7 5.67 18.70 0.10
CA GLY A 7 7.12 18.51 0.13
C GLY A 7 7.53 17.70 1.35
N PRO A 8 8.84 17.36 1.46
CA PRO A 8 9.33 16.56 2.59
C PRO A 8 9.12 17.33 3.88
N LEU A 9 9.22 16.63 5.01
CA LEU A 9 9.16 17.25 6.35
C LEU A 9 10.28 18.28 6.50
N GLU A 10 9.99 19.42 7.10
CA GLU A 10 11.04 20.41 7.44
C GLU A 10 11.87 19.85 8.60
N ASN A 11 11.26 19.14 9.54
CA ASN A 11 11.97 18.51 10.69
C ASN A 11 11.59 17.04 10.75
N SER A 12 12.51 16.13 10.41
CA SER A 12 12.21 14.68 10.29
C SER A 12 12.76 13.90 11.49
N SER A 13 12.94 14.55 12.66
CA SER A 13 13.42 13.88 13.89
C SER A 13 12.38 12.87 14.40
N ALA A 14 12.81 11.84 15.12
CA ALA A 14 11.88 10.99 15.91
C ALA A 14 11.12 11.91 16.89
N LYS A 15 9.82 11.67 17.05
CA LYS A 15 9.02 12.41 18.04
C LYS A 15 7.81 11.59 18.44
N LEU A 16 7.19 11.96 19.55
CA LEU A 16 5.94 11.29 20.00
C LEU A 16 4.85 11.58 18.97
N VAL A 17 4.25 10.56 18.36
CA VAL A 17 3.14 10.79 17.39
C VAL A 17 1.83 10.30 18.02
N ASN A 18 1.89 9.43 19.02
CA ASN A 18 0.69 9.10 19.82
C ASN A 18 0.52 10.19 20.89
N ASP A 19 0.10 11.39 20.50
CA ASP A 19 0.15 12.58 21.38
C ASP A 19 -1.26 13.04 21.69
N GLU A 20 -1.38 14.11 22.47
CA GLU A 20 -2.71 14.62 22.95
C GLU A 20 -3.57 15.02 21.74
N ALA A 21 -2.99 15.56 20.68
CA ALA A 21 -3.75 16.07 19.52
C ALA A 21 -4.15 14.90 18.59
N HIS A 22 -3.58 13.70 18.76
CA HIS A 22 -3.85 12.55 17.85
C HIS A 22 -4.18 11.28 18.65
N PRO A 23 -5.25 11.28 19.47
CA PRO A 23 -5.61 10.12 20.27
C PRO A 23 -6.23 9.03 19.40
N TRP A 24 -6.05 7.78 19.77
CA TRP A 24 -6.79 6.67 19.11
C TRP A 24 -8.27 6.80 19.48
N LYS A 25 -9.16 6.57 18.54
CA LYS A 25 -10.62 6.51 18.82
C LYS A 25 -11.18 5.31 18.09
N PRO A 26 -12.21 4.65 18.66
CA PRO A 26 -12.87 3.54 17.97
C PRO A 26 -13.63 4.03 16.73
N LEU A 27 -14.02 3.10 15.87
CA LEU A 27 -14.81 3.42 14.66
C LEU A 27 -16.22 3.87 15.04
N ARG A 28 -16.73 4.90 14.37
CA ARG A 28 -18.17 5.30 14.42
C ARG A 28 -18.86 4.62 13.25
N PRO A 29 -20.20 4.43 13.27
CA PRO A 29 -20.90 3.91 12.08
C PRO A 29 -20.53 4.73 10.83
N GLY A 30 -20.22 4.04 9.74
CA GLY A 30 -19.88 4.70 8.46
C GLY A 30 -18.39 4.93 8.30
N ASP A 31 -17.58 4.78 9.38
CA ASP A 31 -16.12 5.02 9.31
C ASP A 31 -15.52 3.90 8.45
N ILE A 32 -14.60 4.24 7.56
CA ILE A 32 -14.08 3.27 6.58
C ILE A 32 -12.63 2.93 6.93
N ARG A 33 -12.32 1.65 7.08
CA ARG A 33 -10.94 1.14 7.22
C ARG A 33 -10.72 0.09 6.13
N GLY A 34 -9.50 -0.09 5.62
CA GLY A 34 -9.28 -0.93 4.44
C GLY A 34 -8.09 -1.87 4.64
N PRO A 35 -7.41 -2.23 3.54
CA PRO A 35 -6.34 -3.22 3.58
C PRO A 35 -4.98 -2.73 4.06
N CYS A 36 -4.82 -1.43 4.28
CA CYS A 36 -3.52 -0.83 4.65
C CYS A 36 -3.54 -0.49 6.15
N PRO A 37 -2.74 -1.18 6.99
CA PRO A 37 -2.67 -0.84 8.41
C PRO A 37 -2.02 0.51 8.71
N GLY A 38 -1.16 0.99 7.80
CA GLY A 38 -0.56 2.33 7.90
C GLY A 38 -1.63 3.42 7.83
N LEU A 39 -2.36 3.46 6.72
CA LEU A 39 -3.44 4.48 6.55
C LEU A 39 -4.52 4.28 7.60
N ASN A 40 -4.89 3.03 7.90
CA ASN A 40 -5.93 2.75 8.93
C ASN A 40 -5.54 3.39 10.26
N THR A 41 -4.28 3.26 10.66
CA THR A 41 -3.78 3.81 11.94
C THR A 41 -3.80 5.34 11.93
N LEU A 42 -3.42 5.94 10.82
CA LEU A 42 -3.42 7.42 10.72
C LEU A 42 -4.85 7.92 10.81
N ALA A 43 -5.82 7.23 10.20
CA ALA A 43 -7.24 7.63 10.29
C ALA A 43 -7.69 7.46 11.75
N SER A 44 -7.32 6.37 12.40
CA SER A 44 -7.79 6.05 13.77
C SER A 44 -7.10 6.94 14.81
N HIS A 45 -6.09 7.70 14.43
CA HIS A 45 -5.43 8.69 15.30
C HIS A 45 -5.71 10.12 14.85
N GLY A 46 -6.51 10.34 13.82
CA GLY A 46 -6.90 11.69 13.37
C GLY A 46 -5.81 12.39 12.60
N TYR A 47 -4.77 11.69 12.13
CA TYR A 47 -3.77 12.26 11.18
C TYR A 47 -4.44 12.38 9.79
N LEU A 48 -5.37 11.48 9.52
CA LEU A 48 -6.28 11.52 8.35
C LEU A 48 -7.69 11.77 8.90
N PRO A 49 -8.67 12.25 8.09
CA PRO A 49 -10.07 12.26 8.51
C PRO A 49 -10.46 10.89 9.09
N ARG A 50 -11.18 10.88 10.21
CA ARG A 50 -11.45 9.61 10.94
C ARG A 50 -12.44 8.76 10.16
N ASN A 51 -13.17 9.32 9.17
CA ASN A 51 -14.15 8.53 8.38
C ASN A 51 -13.45 7.73 7.28
N GLY A 52 -12.13 7.92 7.07
CA GLY A 52 -11.32 7.13 6.13
C GLY A 52 -11.47 7.59 4.70
N VAL A 53 -11.93 8.82 4.48
CA VAL A 53 -11.99 9.43 3.12
C VAL A 53 -11.06 10.64 3.12
N ALA A 54 -10.08 10.70 2.23
CA ALA A 54 -9.07 11.78 2.30
C ALA A 54 -8.67 12.26 0.90
N THR A 55 -8.02 13.43 0.83
CA THR A 55 -7.42 13.92 -0.41
C THR A 55 -6.01 13.35 -0.52
N PRO A 56 -5.43 13.24 -1.73
CA PRO A 56 -4.02 12.84 -1.84
C PRO A 56 -3.09 13.66 -0.93
N ALA A 57 -3.25 14.98 -0.91
CA ALA A 57 -2.34 15.85 -0.11
C ALA A 57 -2.48 15.50 1.39
N GLN A 58 -3.70 15.19 1.83
CA GLN A 58 -3.93 14.81 3.24
C GLN A 58 -3.20 13.49 3.53
N ILE A 59 -3.20 12.56 2.58
CA ILE A 59 -2.60 11.22 2.77
C ILE A 59 -1.09 11.41 2.83
N ILE A 60 -0.51 12.18 1.92
CA ILE A 60 0.97 12.40 1.90
C ILE A 60 1.40 13.06 3.21
N ASN A 61 0.70 14.13 3.61
CA ASN A 61 1.03 14.82 4.89
C ASN A 61 0.92 13.83 6.06
N ALA A 62 -0.08 12.96 6.09
CA ALA A 62 -0.29 12.06 7.25
C ALA A 62 0.84 11.01 7.31
N VAL A 63 1.19 10.38 6.19
CA VAL A 63 2.21 9.28 6.23
C VAL A 63 3.57 9.87 6.64
N GLN A 64 3.84 11.13 6.27
CA GLN A 64 5.12 11.78 6.61
C GLN A 64 5.10 12.17 8.08
N GLU A 65 4.05 12.84 8.53
N GLU A 65 4.06 12.87 8.53
CA GLU A 65 3.98 13.37 9.91
CA GLU A 65 4.00 13.37 9.92
C GLU A 65 3.86 12.21 10.92
C GLU A 65 3.89 12.20 10.91
N GLY A 66 3.05 11.20 10.61
CA GLY A 66 2.73 10.13 11.58
C GLY A 66 3.81 9.06 11.61
N PHE A 67 4.41 8.73 10.47
CA PHE A 67 5.33 7.57 10.39
C PHE A 67 6.70 7.92 9.79
N ASN A 68 6.93 9.15 9.31
CA ASN A 68 8.20 9.51 8.64
C ASN A 68 8.37 8.68 7.36
N PHE A 69 7.27 8.41 6.64
CA PHE A 69 7.37 7.80 5.29
C PHE A 69 8.08 8.80 4.37
N ASP A 70 8.97 8.35 3.49
CA ASP A 70 9.75 9.35 2.69
C ASP A 70 8.86 9.96 1.60
N ASN A 71 9.20 11.18 1.20
CA ASN A 71 8.39 12.01 0.26
C ASN A 71 8.16 11.29 -1.07
N GLN A 72 9.21 10.75 -1.71
CA GLN A 72 9.08 10.18 -3.08
C GLN A 72 8.13 8.98 -3.03
N ALA A 73 8.31 8.10 -2.06
CA ALA A 73 7.45 6.90 -1.92
C ALA A 73 6.01 7.34 -1.63
N ALA A 74 5.83 8.34 -0.76
CA ALA A 74 4.48 8.81 -0.39
C ALA A 74 3.77 9.25 -1.67
N ILE A 75 4.44 10.06 -2.48
CA ILE A 75 3.86 10.64 -3.73
C ILE A 75 3.52 9.49 -4.68
N PHE A 76 4.46 8.58 -4.95
CA PHE A 76 4.22 7.51 -5.94
C PHE A 76 2.98 6.70 -5.53
N LEU A 77 2.96 6.16 -4.30
CA LEU A 77 1.88 5.25 -3.85
C LEU A 77 0.56 6.02 -3.81
N THR A 78 0.55 7.23 -3.27
CA THR A 78 -0.72 7.99 -3.11
C THR A 78 -1.37 8.28 -4.47
N TYR A 79 -0.61 8.78 -5.43
CA TYR A 79 -1.18 9.13 -6.76
C TYR A 79 -1.50 7.87 -7.57
N ALA A 80 -0.74 6.78 -7.42
CA ALA A 80 -1.09 5.51 -8.08
C ALA A 80 -2.46 5.09 -7.54
N ALA A 81 -2.61 5.04 -6.22
CA ALA A 81 -3.87 4.61 -5.60
C ALA A 81 -5.02 5.53 -6.06
N HIS A 82 -4.79 6.84 -6.03
CA HIS A 82 -5.85 7.84 -6.37
C HIS A 82 -6.27 7.66 -7.84
N LEU A 83 -5.33 7.48 -8.75
CA LEU A 83 -5.63 7.36 -10.20
C LEU A 83 -6.55 6.17 -10.45
N VAL A 84 -6.32 5.03 -9.79
CA VAL A 84 -7.10 3.80 -10.08
C VAL A 84 -8.30 3.62 -9.13
N ASP A 85 -8.33 4.25 -7.97
CA ASP A 85 -9.32 3.93 -6.91
C ASP A 85 -10.04 5.18 -6.39
N GLY A 86 -9.53 6.37 -6.70
CA GLY A 86 -10.04 7.64 -6.17
C GLY A 86 -10.89 8.37 -7.19
N ASN A 87 -11.62 9.40 -6.72
CA ASN A 87 -12.41 10.28 -7.60
C ASN A 87 -11.52 11.46 -8.01
N LEU A 88 -11.20 11.56 -9.28
CA LEU A 88 -10.21 12.54 -9.78
C LEU A 88 -10.87 13.92 -9.86
N ILE A 89 -12.19 13.97 -9.96
CA ILE A 89 -12.92 15.27 -10.07
C ILE A 89 -13.05 15.86 -8.65
N THR A 90 -13.44 15.07 -7.66
CA THR A 90 -13.64 15.59 -6.29
C THR A 90 -12.31 15.58 -5.50
N ASP A 91 -11.29 14.91 -6.01
CA ASP A 91 -9.95 14.75 -5.36
C ASP A 91 -10.10 13.99 -4.04
N LEU A 92 -10.95 12.96 -3.98
CA LEU A 92 -11.19 12.20 -2.72
C LEU A 92 -10.91 10.72 -2.98
N LEU A 93 -10.30 10.05 -1.99
CA LEU A 93 -10.02 8.61 -2.07
C LEU A 93 -10.52 7.94 -0.79
N SER A 94 -11.22 6.82 -0.89
CA SER A 94 -11.57 5.99 0.28
C SER A 94 -10.38 5.06 0.58
N ILE A 95 -9.95 5.00 1.84
CA ILE A 95 -8.87 4.05 2.24
C ILE A 95 -9.45 2.63 2.40
N GLY A 96 -10.73 2.43 2.07
CA GLY A 96 -11.35 1.10 2.18
C GLY A 96 -12.41 0.86 1.09
N ARG A 97 -13.65 0.59 1.51
CA ARG A 97 -14.75 0.22 0.58
C ARG A 97 -15.17 1.41 -0.29
N LYS A 98 -15.81 1.08 -1.42
CA LYS A 98 -16.43 2.10 -2.30
C LYS A 98 -17.46 2.84 -1.47
N THR A 99 -17.59 4.15 -1.66
CA THR A 99 -18.51 4.97 -0.85
C THR A 99 -19.03 6.12 -1.70
N ARG A 100 -20.28 6.52 -1.47
CA ARG A 100 -20.86 7.73 -2.12
C ARG A 100 -20.12 8.96 -1.61
N LEU A 101 -19.40 8.86 -0.50
CA LEU A 101 -18.70 10.01 0.10
C LEU A 101 -17.57 10.53 -0.80
N THR A 102 -17.12 9.76 -1.79
CA THR A 102 -16.09 10.26 -2.73
C THR A 102 -16.75 11.11 -3.84
N GLY A 103 -18.09 11.20 -3.92
CA GLY A 103 -18.76 12.13 -4.86
C GLY A 103 -19.36 11.39 -6.05
N PRO A 104 -19.91 12.13 -7.05
CA PRO A 104 -20.48 11.52 -8.26
C PRO A 104 -19.43 10.74 -9.07
N ASP A 105 -19.75 9.52 -9.47
CA ASP A 105 -18.81 8.61 -10.19
C ASP A 105 -18.57 9.06 -11.63
N PRO A 106 -17.37 8.82 -12.20
CA PRO A 106 -17.16 8.93 -13.65
C PRO A 106 -17.87 7.77 -14.36
N PRO A 107 -17.95 7.76 -15.71
CA PRO A 107 -18.58 6.63 -16.40
C PRO A 107 -17.74 5.35 -16.28
N PRO A 108 -18.33 4.15 -16.48
CA PRO A 108 -17.55 2.91 -16.56
C PRO A 108 -16.64 2.99 -17.79
N PRO A 109 -15.53 2.23 -17.87
CA PRO A 109 -15.20 1.17 -16.89
C PRO A 109 -14.49 1.61 -15.59
N ALA A 110 -14.42 2.90 -15.29
CA ALA A 110 -13.74 3.40 -14.06
C ALA A 110 -14.59 2.98 -12.87
N SER A 111 -14.00 2.45 -11.80
CA SER A 111 -14.76 1.83 -10.69
C SER A 111 -14.82 2.76 -9.47
N VAL A 112 -13.78 3.57 -9.24
CA VAL A 112 -13.65 4.42 -8.01
C VAL A 112 -14.05 3.57 -6.80
N GLY A 113 -13.37 2.45 -6.61
CA GLY A 113 -13.76 1.41 -5.64
C GLY A 113 -13.07 1.55 -4.31
N GLY A 114 -12.29 2.58 -4.12
CA GLY A 114 -11.50 2.70 -2.89
C GLY A 114 -10.34 1.69 -2.85
N LEU A 115 -9.52 1.74 -1.80
CA LEU A 115 -8.36 0.81 -1.72
C LEU A 115 -8.81 -0.65 -1.67
N ASN A 116 -10.06 -0.94 -1.30
CA ASN A 116 -10.58 -2.34 -1.29
C ASN A 116 -10.67 -2.92 -2.70
N GLU A 117 -10.63 -2.11 -3.75
CA GLU A 117 -10.88 -2.60 -5.14
C GLU A 117 -9.77 -3.60 -5.51
N HIS A 118 -10.12 -4.84 -5.80
CA HIS A 118 -9.12 -5.89 -6.11
C HIS A 118 -8.52 -5.66 -7.50
N GLY A 119 -7.21 -5.76 -7.65
CA GLY A 119 -6.56 -5.83 -8.97
C GLY A 119 -6.12 -4.50 -9.52
N THR A 120 -6.39 -3.41 -8.80
CA THR A 120 -5.94 -2.04 -9.13
C THR A 120 -4.67 -1.80 -8.33
N PHE A 121 -4.79 -1.62 -7.01
CA PHE A 121 -3.61 -1.49 -6.12
C PHE A 121 -3.54 -2.73 -5.24
N GLU A 122 -4.63 -3.00 -4.51
CA GLU A 122 -4.73 -4.18 -3.62
C GLU A 122 -4.50 -5.46 -4.44
N GLY A 123 -3.87 -6.45 -3.83
CA GLY A 123 -3.68 -7.73 -4.55
C GLY A 123 -3.41 -8.90 -3.65
N ASP A 124 -3.10 -10.04 -4.23
CA ASP A 124 -3.03 -11.35 -3.53
C ASP A 124 -1.75 -11.48 -2.73
N ALA A 125 -1.66 -12.53 -1.90
CA ALA A 125 -0.50 -12.88 -1.07
C ALA A 125 -0.23 -11.74 -0.09
N SER A 126 -1.26 -11.06 0.43
CA SER A 126 -1.12 -10.13 1.57
C SER A 126 -0.76 -10.92 2.84
N MET A 127 -0.13 -10.28 3.82
CA MET A 127 0.36 -10.97 5.04
C MET A 127 -0.79 -11.26 6.01
N THR A 128 -1.65 -10.29 6.26
CA THR A 128 -2.69 -10.41 7.31
C THR A 128 -4.09 -10.26 6.74
N ARG A 129 -4.21 -10.16 5.42
CA ARG A 129 -5.52 -10.09 4.71
C ARG A 129 -5.61 -11.28 3.77
N GLY A 130 -6.81 -11.82 3.55
CA GLY A 130 -7.01 -12.90 2.57
C GLY A 130 -7.04 -12.45 1.13
N ASP A 131 -6.79 -13.36 0.18
CA ASP A 131 -6.95 -13.03 -1.26
C ASP A 131 -8.43 -12.74 -1.53
N ALA A 132 -8.73 -11.85 -2.46
CA ALA A 132 -10.13 -11.47 -2.81
C ALA A 132 -10.93 -12.71 -3.24
N PHE A 133 -10.31 -13.74 -3.80
CA PHE A 133 -11.00 -14.99 -4.22
C PHE A 133 -11.67 -15.66 -3.02
N PHE A 134 -11.13 -15.47 -1.82
CA PHE A 134 -11.67 -16.14 -0.61
C PHE A 134 -12.75 -15.26 0.06
N GLY A 135 -13.09 -14.10 -0.50
CA GLY A 135 -14.30 -13.36 -0.07
C GLY A 135 -14.00 -12.10 0.72
N ASN A 136 -12.77 -11.85 1.17
CA ASN A 136 -12.53 -10.63 1.99
C ASN A 136 -11.06 -10.21 1.87
N ASN A 137 -10.78 -9.17 1.08
CA ASN A 137 -9.38 -8.72 0.83
C ASN A 137 -8.96 -7.59 1.78
N HIS A 138 -9.74 -7.25 2.80
CA HIS A 138 -9.49 -5.98 3.54
C HIS A 138 -9.51 -6.15 5.06
N ASP A 139 -10.26 -7.12 5.62
CA ASP A 139 -10.36 -7.18 7.09
C ASP A 139 -9.10 -7.88 7.64
N PHE A 140 -8.69 -7.50 8.84
CA PHE A 140 -7.65 -8.25 9.58
C PHE A 140 -8.09 -9.71 9.73
N ASN A 141 -7.18 -10.65 9.50
CA ASN A 141 -7.47 -12.10 9.60
C ASN A 141 -6.60 -12.68 10.72
N GLU A 142 -7.24 -13.22 11.76
CA GLU A 142 -6.55 -13.73 12.97
C GLU A 142 -5.68 -14.93 12.59
N THR A 143 -6.15 -15.85 11.75
CA THR A 143 -5.38 -17.05 11.34
C THR A 143 -4.09 -16.61 10.61
N LEU A 144 -4.19 -15.67 9.69
CA LEU A 144 -3.00 -15.17 8.95
C LEU A 144 -2.07 -14.45 9.92
N PHE A 145 -2.59 -13.65 10.83
CA PHE A 145 -1.74 -12.97 11.83
C PHE A 145 -1.02 -13.99 12.69
N GLU A 146 -1.66 -15.08 13.09
CA GLU A 146 -1.04 -16.12 13.93
C GLU A 146 0.10 -16.78 13.13
N GLN A 147 -0.03 -16.88 11.82
CA GLN A 147 1.07 -17.37 10.97
C GLN A 147 2.23 -16.35 10.97
N LEU A 148 1.95 -15.06 10.94
CA LEU A 148 2.99 -14.01 11.07
C LEU A 148 3.72 -14.18 12.41
N VAL A 149 2.98 -14.45 13.48
CA VAL A 149 3.57 -14.64 14.85
C VAL A 149 4.47 -15.87 14.82
N ASP A 150 3.99 -16.97 14.26
CA ASP A 150 4.73 -18.24 14.15
C ASP A 150 6.03 -18.02 13.36
N TYR A 151 5.97 -17.30 12.23
CA TYR A 151 7.17 -17.01 11.42
C TYR A 151 8.12 -16.10 12.20
N SER A 152 7.60 -15.17 12.99
CA SER A 152 8.40 -14.27 13.86
C SER A 152 9.11 -15.10 14.94
N ASN A 153 8.43 -16.10 15.48
CA ASN A 153 9.00 -16.98 16.52
C ASN A 153 10.11 -17.82 15.91
N ARG A 154 9.93 -18.32 14.69
CA ARG A 154 10.88 -19.26 14.07
C ARG A 154 12.09 -18.51 13.47
N PHE A 155 11.90 -17.32 12.89
CA PHE A 155 12.97 -16.67 12.11
C PHE A 155 13.39 -15.33 12.70
N GLY A 156 12.70 -14.83 13.72
CA GLY A 156 12.98 -13.48 14.23
C GLY A 156 13.16 -13.44 15.75
N GLY A 157 13.35 -14.58 16.39
CA GLY A 157 13.43 -14.69 17.85
C GLY A 157 12.22 -14.09 18.53
N GLY A 158 11.02 -14.17 17.93
CA GLY A 158 9.82 -13.59 18.54
C GLY A 158 9.47 -12.23 17.98
N LYS A 159 10.35 -11.63 17.15
CA LYS A 159 10.12 -10.28 16.58
C LYS A 159 9.97 -10.39 15.06
N TYR A 160 9.26 -9.46 14.46
CA TYR A 160 9.18 -9.39 12.99
C TYR A 160 10.37 -8.57 12.50
N ASN A 161 11.20 -9.15 11.64
CA ASN A 161 12.32 -8.43 11.01
C ASN A 161 12.43 -8.81 9.53
N LEU A 162 13.40 -8.24 8.81
CA LEU A 162 13.52 -8.48 7.35
C LEU A 162 13.73 -9.97 7.06
N THR A 163 14.37 -10.73 7.94
CA THR A 163 14.53 -12.20 7.76
C THR A 163 13.14 -12.86 7.78
N VAL A 164 12.32 -12.52 8.77
CA VAL A 164 10.92 -13.04 8.86
C VAL A 164 10.18 -12.65 7.57
N ALA A 165 10.26 -11.38 7.16
CA ALA A 165 9.57 -10.86 5.97
C ALA A 165 9.93 -11.74 4.77
N GLY A 166 11.22 -12.06 4.57
CA GLY A 166 11.64 -12.88 3.42
C GLY A 166 10.95 -14.24 3.42
N GLU A 167 10.87 -14.89 4.57
CA GLU A 167 10.27 -16.24 4.67
C GLU A 167 8.75 -16.14 4.51
N LEU A 168 8.12 -15.19 5.18
CA LEU A 168 6.63 -15.09 5.17
C LEU A 168 6.14 -14.66 3.79
N ARG A 169 6.83 -13.72 3.16
CA ARG A 169 6.48 -13.27 1.79
C ARG A 169 6.38 -14.49 0.88
N PHE A 170 7.41 -15.34 0.86
CA PHE A 170 7.44 -16.58 0.04
C PHE A 170 6.32 -17.55 0.46
N LYS A 171 6.09 -17.75 1.77
CA LYS A 171 5.01 -18.65 2.24
C LYS A 171 3.66 -18.18 1.68
N ARG A 172 3.40 -16.87 1.71
CA ARG A 172 2.07 -16.35 1.29
C ARG A 172 1.92 -16.55 -0.22
N ILE A 173 2.99 -16.36 -0.99
CA ILE A 173 2.98 -16.65 -2.45
C ILE A 173 2.64 -18.14 -2.66
N GLN A 174 3.32 -19.04 -1.96
N GLN A 174 3.36 -19.03 -1.99
CA GLN A 174 3.14 -20.50 -2.13
CA GLN A 174 3.14 -20.51 -2.07
C GLN A 174 1.71 -20.90 -1.71
C GLN A 174 1.67 -20.84 -1.75
N ASP A 175 1.15 -20.31 -0.64
CA ASP A 175 -0.23 -20.58 -0.20
C ASP A 175 -1.21 -20.16 -1.29
N SER A 176 -1.02 -18.99 -1.89
CA SER A 176 -1.87 -18.46 -2.99
C SER A 176 -1.76 -19.40 -4.21
N ILE A 177 -0.56 -19.82 -4.58
CA ILE A 177 -0.41 -20.73 -5.75
C ILE A 177 -1.21 -22.03 -5.49
N ALA A 178 -1.18 -22.53 -4.27
CA ALA A 178 -1.75 -23.84 -3.90
C ALA A 178 -3.28 -23.75 -3.74
N THR A 179 -3.88 -22.58 -3.52
CA THR A 179 -5.31 -22.50 -3.13
C THR A 179 -6.12 -21.51 -3.96
N ASN A 180 -5.49 -20.56 -4.65
CA ASN A 180 -6.22 -19.52 -5.39
C ASN A 180 -6.04 -19.73 -6.90
N PRO A 181 -7.04 -20.26 -7.63
CA PRO A 181 -6.90 -20.55 -9.06
C PRO A 181 -6.78 -19.28 -9.89
N ASN A 182 -7.08 -18.13 -9.29
CA ASN A 182 -7.06 -16.81 -9.96
C ASN A 182 -5.87 -16.01 -9.45
N PHE A 183 -4.94 -16.63 -8.71
CA PHE A 183 -3.76 -15.92 -8.14
C PHE A 183 -3.07 -15.10 -9.22
N SER A 184 -2.88 -13.82 -8.98
CA SER A 184 -2.16 -12.89 -9.89
C SER A 184 -1.00 -12.23 -9.16
N PHE A 185 0.20 -12.30 -9.74
CA PHE A 185 1.39 -11.73 -9.08
C PHE A 185 2.28 -11.09 -10.15
N VAL A 186 1.83 -10.02 -10.79
CA VAL A 186 2.52 -9.38 -11.94
C VAL A 186 2.56 -7.86 -11.72
N ASP A 187 3.46 -7.18 -12.42
CA ASP A 187 3.52 -5.72 -12.57
C ASP A 187 3.39 -5.05 -11.20
N PHE A 188 2.41 -4.17 -11.03
CA PHE A 188 2.32 -3.28 -9.85
C PHE A 188 2.27 -4.11 -8.56
N ARG A 189 1.46 -5.15 -8.52
CA ARG A 189 1.29 -5.96 -7.28
C ARG A 189 2.62 -6.66 -6.98
N PHE A 190 3.31 -7.17 -7.98
CA PHE A 190 4.61 -7.87 -7.83
C PHE A 190 5.55 -6.94 -7.05
N PHE A 191 5.60 -5.65 -7.41
CA PHE A 191 6.54 -4.68 -6.77
C PHE A 191 6.07 -4.34 -5.36
N THR A 192 4.83 -3.94 -5.23
CA THR A 192 4.30 -3.45 -3.93
C THR A 192 4.23 -4.56 -2.88
N ALA A 193 3.95 -5.81 -3.26
CA ALA A 193 3.89 -6.95 -2.31
C ALA A 193 5.23 -7.08 -1.58
N TYR A 194 6.36 -6.84 -2.26
CA TYR A 194 7.70 -6.99 -1.62
C TYR A 194 7.97 -5.78 -0.71
N GLY A 195 7.68 -4.58 -1.20
CA GLY A 195 7.89 -3.35 -0.41
C GLY A 195 7.06 -3.35 0.86
N GLU A 196 5.81 -3.78 0.78
CA GLU A 196 4.91 -3.77 1.95
C GLU A 196 5.49 -4.61 3.10
N THR A 197 6.21 -5.68 2.81
CA THR A 197 6.73 -6.58 3.89
C THR A 197 7.83 -5.88 4.68
N THR A 198 8.49 -4.84 4.14
CA THR A 198 9.54 -4.11 4.87
C THR A 198 8.90 -3.06 5.79
N PHE A 199 7.72 -2.55 5.42
CA PHE A 199 7.09 -1.41 6.11
C PHE A 199 7.01 -1.66 7.62
N PRO A 200 6.56 -2.82 8.14
CA PRO A 200 6.45 -2.98 9.58
C PRO A 200 7.82 -2.82 10.24
N ALA A 201 8.88 -3.34 9.61
CA ALA A 201 10.23 -3.37 10.23
C ALA A 201 10.78 -1.93 10.20
N ASN A 202 10.39 -1.15 9.21
CA ASN A 202 10.98 0.20 9.01
C ASN A 202 10.13 1.30 9.68
N LEU A 203 8.81 1.10 9.82
CA LEU A 203 7.92 2.22 10.23
C LEU A 203 7.10 1.89 11.48
N PHE A 204 6.87 0.65 11.82
CA PHE A 204 6.06 0.31 13.04
C PHE A 204 6.96 0.14 14.26
N VAL A 205 8.28 0.18 14.08
CA VAL A 205 9.28 0.06 15.17
C VAL A 205 9.48 1.45 15.79
N ASP A 206 9.32 1.57 17.10
CA ASP A 206 9.51 2.86 17.83
C ASP A 206 10.83 3.50 17.40
N GLY A 207 10.80 4.77 16.99
CA GLY A 207 11.96 5.47 16.41
C GLY A 207 13.10 5.70 17.39
N ARG A 208 12.90 5.54 18.69
CA ARG A 208 13.99 5.61 19.69
C ARG A 208 14.87 4.36 19.62
N ARG A 209 14.35 3.26 19.07
CA ARG A 209 15.12 2.02 18.86
C ARG A 209 15.52 1.96 17.38
N ASP A 210 14.53 2.03 16.46
CA ASP A 210 14.76 1.91 14.99
C ASP A 210 15.69 0.73 14.67
N ASP A 211 15.51 -0.42 15.31
CA ASP A 211 16.45 -1.57 15.19
C ASP A 211 15.88 -2.58 14.18
N GLY A 212 14.74 -2.29 13.53
CA GLY A 212 14.13 -3.20 12.56
C GLY A 212 13.55 -4.46 13.23
N GLN A 213 13.37 -4.47 14.56
CA GLN A 213 12.78 -5.64 15.27
C GLN A 213 11.41 -5.25 15.82
N LEU A 214 10.33 -5.71 15.19
CA LEU A 214 8.97 -5.30 15.62
C LEU A 214 8.45 -6.33 16.62
N ASP A 215 8.02 -5.91 17.81
CA ASP A 215 7.42 -6.88 18.78
C ASP A 215 5.98 -7.20 18.37
N MET A 216 5.46 -8.35 18.82
CA MET A 216 4.15 -8.87 18.39
C MET A 216 3.00 -8.09 19.06
N ASP A 217 3.17 -7.49 20.23
CA ASP A 217 2.14 -6.62 20.85
C ASP A 217 1.93 -5.39 19.96
N ALA A 218 3.01 -4.70 19.60
CA ALA A 218 2.94 -3.56 18.66
C ALA A 218 2.37 -4.01 17.31
N ALA A 219 2.83 -5.12 16.76
CA ALA A 219 2.33 -5.64 15.47
C ALA A 219 0.80 -5.82 15.53
N ARG A 220 0.28 -6.45 16.58
CA ARG A 220 -1.20 -6.66 16.66
C ARG A 220 -1.91 -5.32 16.76
N SER A 221 -1.35 -4.38 17.50
CA SER A 221 -1.95 -3.05 17.75
C SER A 221 -2.14 -2.36 16.39
N PHE A 222 -1.11 -2.33 15.54
CA PHE A 222 -1.22 -1.70 14.20
C PHE A 222 -2.13 -2.52 13.28
N PHE A 223 -1.85 -3.81 13.12
CA PHE A 223 -2.48 -4.65 12.07
C PHE A 223 -3.95 -4.92 12.37
N GLN A 224 -4.32 -5.06 13.64
CA GLN A 224 -5.71 -5.44 14.01
C GLN A 224 -6.48 -4.21 14.46
N PHE A 225 -5.89 -3.39 15.33
CA PHE A 225 -6.65 -2.28 15.97
C PHE A 225 -6.38 -0.90 15.37
N SER A 226 -5.52 -0.78 14.38
CA SER A 226 -5.19 0.52 13.77
C SER A 226 -4.74 1.47 14.88
N ARG A 227 -3.92 1.01 15.82
CA ARG A 227 -3.63 1.74 17.07
CA ARG A 227 -3.63 1.75 17.06
C ARG A 227 -2.13 1.79 17.35
N MET A 228 -1.60 2.99 17.52
CA MET A 228 -0.18 3.16 17.89
C MET A 228 -0.03 2.67 19.32
N PRO A 229 1.08 1.97 19.65
CA PRO A 229 1.43 1.72 21.05
C PRO A 229 1.41 2.99 21.88
N ASP A 230 1.06 2.90 23.16
CA ASP A 230 1.19 4.02 24.12
C ASP A 230 2.62 4.57 24.02
N ASP A 231 2.77 5.88 23.86
CA ASP A 231 4.06 6.62 23.82
C ASP A 231 4.84 6.29 22.53
N PHE A 232 4.17 5.89 21.44
CA PHE A 232 4.86 5.53 20.19
C PHE A 232 5.61 6.74 19.62
N PHE A 233 6.91 6.59 19.37
CA PHE A 233 7.70 7.59 18.61
C PHE A 233 7.82 7.12 17.16
N ARG A 234 7.64 8.02 16.20
CA ARG A 234 7.83 7.70 14.76
C ARG A 234 9.33 7.44 14.50
N ALA A 235 9.65 6.85 13.36
CA ALA A 235 11.03 6.60 12.89
C ALA A 235 11.83 7.91 12.90
N PRO A 236 13.17 7.84 13.12
CA PRO A 236 14.00 9.05 13.28
C PRO A 236 14.46 9.74 11.99
N SER A 237 14.07 9.23 10.83
CA SER A 237 14.46 9.76 9.50
C SER A 237 13.46 9.26 8.47
N PRO A 238 13.34 9.90 7.28
CA PRO A 238 12.41 9.43 6.25
C PRO A 238 12.86 8.09 5.66
N ARG A 239 11.93 7.16 5.46
CA ARG A 239 12.24 5.88 4.80
C ARG A 239 10.95 5.24 4.32
N SER A 240 11.05 4.23 3.47
CA SER A 240 9.91 3.38 3.07
C SER A 240 10.39 1.93 3.00
N GLY A 241 10.88 1.51 1.83
CA GLY A 241 11.16 0.11 1.54
C GLY A 241 12.61 -0.27 1.70
N THR A 242 13.39 0.48 2.47
CA THR A 242 14.76 0.08 2.88
C THR A 242 14.80 -1.39 3.27
N GLY A 243 15.66 -2.20 2.61
CA GLY A 243 15.83 -3.62 3.00
C GLY A 243 14.98 -4.57 2.18
N VAL A 244 14.23 -4.08 1.20
CA VAL A 244 13.45 -4.96 0.28
C VAL A 244 14.40 -5.94 -0.43
N GLU A 245 15.66 -5.55 -0.61
CA GLU A 245 16.67 -6.43 -1.27
C GLU A 245 16.82 -7.74 -0.46
N VAL A 246 16.74 -7.68 0.86
CA VAL A 246 16.89 -8.88 1.74
C VAL A 246 15.69 -9.81 1.54
N VAL A 247 14.50 -9.25 1.43
CA VAL A 247 13.23 -10.01 1.25
C VAL A 247 13.29 -10.77 -0.08
N VAL A 248 13.64 -10.08 -1.16
CA VAL A 248 13.71 -10.70 -2.51
C VAL A 248 14.77 -11.80 -2.47
N GLN A 249 15.98 -11.47 -1.99
CA GLN A 249 17.14 -12.40 -1.99
C GLN A 249 16.79 -13.71 -1.28
N ALA A 250 15.93 -13.68 -0.25
CA ALA A 250 15.56 -14.91 0.49
C ALA A 250 14.98 -15.95 -0.48
N HIS A 251 14.08 -15.56 -1.38
CA HIS A 251 13.37 -16.49 -2.29
C HIS A 251 13.01 -15.80 -3.60
N PRO A 252 13.97 -15.56 -4.52
CA PRO A 252 13.69 -14.80 -5.74
C PRO A 252 12.59 -15.46 -6.58
N MET A 253 11.61 -14.68 -7.00
CA MET A 253 10.42 -15.19 -7.73
C MET A 253 10.33 -14.44 -9.06
N GLN A 254 9.80 -15.10 -10.11
CA GLN A 254 9.43 -14.39 -11.37
C GLN A 254 7.97 -13.96 -11.27
N PRO A 255 7.57 -12.86 -11.94
CA PRO A 255 6.15 -12.48 -11.97
C PRO A 255 5.33 -13.46 -12.82
N GLY A 256 4.11 -13.74 -12.39
CA GLY A 256 3.27 -14.72 -13.11
C GLY A 256 1.91 -14.83 -12.49
N ARG A 257 1.17 -15.86 -12.84
CA ARG A 257 -0.20 -16.01 -12.32
C ARG A 257 -0.59 -17.48 -12.40
N ASN A 258 -1.56 -17.90 -11.59
CA ASN A 258 -2.24 -19.19 -11.83
C ASN A 258 -3.12 -18.99 -13.08
N VAL A 259 -3.36 -20.03 -13.87
CA VAL A 259 -4.12 -19.85 -15.13
C VAL A 259 -5.48 -20.55 -15.02
N GLY A 260 -6.25 -20.22 -13.98
CA GLY A 260 -7.63 -20.70 -13.77
C GLY A 260 -7.67 -21.99 -12.98
N LYS A 261 -6.52 -22.48 -12.53
CA LYS A 261 -6.42 -23.73 -11.71
C LYS A 261 -5.37 -23.51 -10.62
N ILE A 262 -5.50 -24.17 -9.49
CA ILE A 262 -4.43 -24.17 -8.45
C ILE A 262 -3.18 -24.86 -9.04
N ASN A 263 -2.01 -24.53 -8.51
CA ASN A 263 -0.73 -25.19 -8.86
C ASN A 263 -0.52 -25.12 -10.37
N SER A 264 -0.76 -23.95 -10.98
CA SER A 264 -0.56 -23.74 -12.43
C SER A 264 0.21 -22.44 -12.66
N TYR A 265 1.10 -22.07 -11.74
CA TYR A 265 1.78 -20.75 -11.77
C TYR A 265 2.59 -20.64 -13.07
N THR A 266 2.23 -19.71 -13.93
CA THR A 266 2.83 -19.54 -15.27
C THR A 266 3.48 -18.17 -15.33
N VAL A 267 4.78 -18.12 -15.58
CA VAL A 267 5.54 -16.84 -15.67
C VAL A 267 4.99 -16.00 -16.83
N ASP A 268 4.91 -14.68 -16.66
CA ASP A 268 4.40 -13.73 -17.67
C ASP A 268 5.58 -12.92 -18.20
N PRO A 269 6.08 -13.18 -19.43
CA PRO A 269 7.24 -12.46 -19.95
C PRO A 269 6.90 -10.99 -20.31
N THR A 270 5.61 -10.64 -20.36
CA THR A 270 5.14 -9.26 -20.67
C THR A 270 5.18 -8.43 -19.39
N SER A 271 5.23 -9.08 -18.23
CA SER A 271 5.22 -8.34 -16.93
C SER A 271 6.55 -7.63 -16.74
N SER A 272 6.53 -6.54 -16.00
CA SER A 272 7.76 -5.91 -15.47
C SER A 272 8.26 -6.74 -14.29
N ASP A 273 9.53 -6.61 -13.95
CA ASP A 273 10.10 -7.23 -12.73
C ASP A 273 11.11 -6.22 -12.18
N PHE A 274 11.94 -6.63 -11.21
CA PHE A 274 12.88 -5.68 -10.55
C PHE A 274 13.94 -5.23 -11.56
N SER A 275 14.12 -5.92 -12.67
CA SER A 275 15.14 -5.56 -13.69
C SER A 275 14.58 -4.48 -14.62
N THR A 276 13.27 -4.28 -14.62
CA THR A 276 12.60 -3.28 -15.52
C THR A 276 11.65 -2.40 -14.72
N PRO A 277 12.12 -1.59 -13.73
CA PRO A 277 11.21 -0.76 -12.94
C PRO A 277 10.51 0.33 -13.75
N CYS A 278 11.15 0.87 -14.79
CA CYS A 278 10.50 1.90 -15.64
C CYS A 278 9.32 1.27 -16.37
N LEU A 279 9.44 0.00 -16.79
CA LEU A 279 8.33 -0.71 -17.50
C LEU A 279 7.10 -0.80 -16.58
N MET A 280 7.29 -1.01 -15.28
N MET A 280 7.30 -1.02 -15.28
CA MET A 280 6.19 -1.08 -14.29
CA MET A 280 6.19 -1.07 -14.29
C MET A 280 5.41 0.24 -14.31
C MET A 280 5.41 0.24 -14.34
N TYR A 281 6.10 1.37 -14.31
CA TYR A 281 5.46 2.72 -14.40
C TYR A 281 4.74 2.81 -15.75
N GLU A 282 5.40 2.49 -16.86
CA GLU A 282 4.80 2.67 -18.20
C GLU A 282 3.51 1.84 -18.31
N LYS A 283 3.53 0.58 -17.85
CA LYS A 283 2.35 -0.30 -18.00
C LYS A 283 1.23 0.21 -17.10
N PHE A 284 1.58 0.69 -15.91
CA PHE A 284 0.58 1.20 -14.95
C PHE A 284 -0.19 2.33 -15.63
N VAL A 285 0.50 3.22 -16.32
CA VAL A 285 -0.14 4.38 -17.01
C VAL A 285 -0.82 3.93 -18.31
N ASN A 286 -0.08 3.30 -19.22
CA ASN A 286 -0.55 2.96 -20.59
C ASN A 286 -1.62 1.87 -20.55
N ILE A 287 -1.61 0.98 -19.57
CA ILE A 287 -2.57 -0.15 -19.55
C ILE A 287 -3.59 0.02 -18.41
N THR A 288 -3.18 0.12 -17.15
CA THR A 288 -4.10 0.09 -15.98
C THR A 288 -4.94 1.38 -15.97
N VAL A 289 -4.31 2.54 -15.90
CA VAL A 289 -5.04 3.83 -15.85
C VAL A 289 -5.87 3.98 -17.13
N LYS A 290 -5.26 3.79 -18.30
CA LYS A 290 -5.92 3.98 -19.60
C LYS A 290 -7.14 3.07 -19.71
N SER A 291 -7.08 1.84 -19.18
CA SER A 291 -8.21 0.90 -19.28
C SER A 291 -9.42 1.45 -18.51
N LEU A 292 -9.18 2.11 -17.38
CA LEU A 292 -10.27 2.69 -16.56
C LEU A 292 -10.84 3.96 -17.19
N TYR A 293 -10.01 4.72 -17.91
CA TYR A 293 -10.40 5.97 -18.60
C TYR A 293 -9.92 5.97 -20.06
N PRO A 294 -10.51 5.17 -20.97
CA PRO A 294 -10.02 5.13 -22.36
C PRO A 294 -10.30 6.36 -23.23
N ASN A 295 -11.47 7.01 -23.06
CA ASN A 295 -11.87 8.21 -23.86
C ASN A 295 -12.47 9.24 -22.91
N PRO A 296 -11.67 9.85 -22.00
CA PRO A 296 -12.21 10.72 -20.97
C PRO A 296 -12.72 12.04 -21.57
N THR A 297 -13.77 12.60 -20.99
CA THR A 297 -14.28 13.94 -21.35
C THR A 297 -13.28 15.00 -20.84
N VAL A 298 -13.50 16.26 -21.24
CA VAL A 298 -12.54 17.39 -21.08
C VAL A 298 -12.12 17.52 -19.60
N GLN A 299 -13.06 17.55 -18.64
CA GLN A 299 -12.71 17.81 -17.22
C GLN A 299 -11.93 16.61 -16.65
N LEU A 300 -12.30 15.38 -17.03
CA LEU A 300 -11.62 14.15 -16.55
C LEU A 300 -10.22 14.08 -17.13
N ARG A 301 -10.06 14.38 -18.43
CA ARG A 301 -8.74 14.39 -19.08
C ARG A 301 -7.82 15.33 -18.32
N LYS A 302 -8.28 16.52 -18.01
CA LYS A 302 -7.45 17.52 -17.28
C LYS A 302 -7.04 16.97 -15.89
N ALA A 303 -7.98 16.40 -15.14
CA ALA A 303 -7.68 15.82 -13.80
C ALA A 303 -6.70 14.63 -13.94
N LEU A 304 -6.89 13.77 -14.95
CA LEU A 304 -5.95 12.64 -15.19
C LEU A 304 -4.56 13.20 -15.44
N ASN A 305 -4.40 14.14 -16.37
CA ASN A 305 -3.08 14.68 -16.75
C ASN A 305 -2.41 15.29 -15.51
N THR A 306 -3.14 16.01 -14.68
CA THR A 306 -2.58 16.64 -13.45
C THR A 306 -2.05 15.53 -12.52
N ASN A 307 -2.88 14.53 -12.24
CA ASN A 307 -2.50 13.44 -11.29
C ASN A 307 -1.38 12.59 -11.88
N LEU A 308 -1.34 12.40 -13.20
CA LEU A 308 -0.24 11.63 -13.84
C LEU A 308 1.08 12.38 -13.71
N ASP A 309 1.06 13.71 -13.81
CA ASP A 309 2.29 14.54 -13.58
C ASP A 309 2.75 14.37 -12.14
N PHE A 310 1.82 14.38 -11.19
CA PHE A 310 2.14 14.20 -9.76
C PHE A 310 2.70 12.80 -9.54
N LEU A 311 2.08 11.77 -10.11
CA LEU A 311 2.63 10.38 -10.08
C LEU A 311 4.09 10.38 -10.54
N PHE A 312 4.41 11.05 -11.65
CA PHE A 312 5.78 10.99 -12.23
C PHE A 312 6.80 11.61 -11.28
N GLN A 313 6.39 12.57 -10.44
CA GLN A 313 7.28 13.16 -9.41
C GLN A 313 7.78 12.08 -8.45
N GLY A 314 7.02 11.00 -8.22
CA GLY A 314 7.41 9.92 -7.32
C GLY A 314 8.19 8.81 -8.02
N VAL A 315 8.37 8.89 -9.34
CA VAL A 315 9.07 7.82 -10.12
C VAL A 315 10.57 8.09 -10.01
N ALA A 316 11.38 7.03 -9.83
CA ALA A 316 12.85 7.13 -9.66
C ALA A 316 13.44 7.78 -10.92
N ALA A 317 14.44 8.63 -10.74
CA ALA A 317 15.09 9.36 -11.84
C ALA A 317 15.67 8.33 -12.81
N GLY A 318 15.62 8.61 -14.11
CA GLY A 318 16.09 7.68 -15.15
C GLY A 318 14.95 7.24 -16.04
N CYS A 319 13.72 7.23 -15.54
CA CYS A 319 12.53 6.83 -16.33
C CYS A 319 12.06 8.03 -17.15
N THR A 320 11.45 7.77 -18.30
CA THR A 320 10.86 8.76 -19.23
C THR A 320 9.37 8.87 -18.93
N GLN A 321 8.84 10.08 -18.83
CA GLN A 321 7.39 10.27 -18.59
C GLN A 321 6.61 9.84 -19.84
N VAL A 322 5.48 9.15 -19.68
CA VAL A 322 4.62 8.73 -20.81
C VAL A 322 3.33 9.55 -20.75
N PHE A 323 2.72 9.80 -21.91
CA PHE A 323 1.57 10.72 -22.03
C PHE A 323 0.43 10.02 -22.76
N PRO A 324 -0.45 9.28 -22.05
CA PRO A 324 -1.52 8.53 -22.70
C PRO A 324 -2.65 9.42 -23.26
N TYR A 325 -2.80 10.64 -22.75
CA TYR A 325 -3.87 11.58 -23.21
C TYR A 325 -3.24 12.79 -23.92
N GLY A 326 -1.98 12.70 -24.33
CA GLY A 326 -1.28 13.85 -24.92
C GLY A 326 -0.74 14.77 -23.83
N ARG A 327 -0.08 15.86 -24.21
CA ARG A 327 0.66 16.74 -23.27
C ARG A 327 -0.20 17.96 -22.91
P PO4 B . -21.89 5.14 1.79
O1 PO4 B . -22.84 4.05 2.29
O2 PO4 B . -21.76 5.01 0.29
O3 PO4 B . -20.52 5.02 2.50
O4 PO4 B . -22.49 6.53 2.13
CHA HEM C . -0.68 -2.66 2.29
CHB HEM C . -1.91 1.55 0.23
CHC HEM C . 1.39 3.72 3.01
CHD HEM C . 1.92 -0.29 5.57
C1A HEM C . -1.31 -1.70 1.52
C2A HEM C . -2.37 -1.98 0.61
C3A HEM C . -2.75 -0.79 0.05
C4A HEM C . -1.89 0.22 0.58
CMA HEM C . -3.84 -0.60 -0.95
CAA HEM C . -3.00 -3.32 0.37
CBA HEM C . -2.11 -4.14 -0.58
CGA HEM C . -2.34 -5.60 -0.31
O1A HEM C . -3.16 -6.24 -1.01
O2A HEM C . -1.71 -6.18 0.62
C1B HEM C . -1.04 2.49 0.79
C2B HEM C . -0.95 3.85 0.32
C3B HEM C . -0.05 4.49 1.07
C4B HEM C . 0.45 3.46 2.03
CMB HEM C . -1.73 4.47 -0.81
CAB HEM C . 0.37 5.88 0.82
CBB HEM C . 1.54 6.37 1.11
C1C HEM C . 1.77 2.86 4.01
C2C HEM C . 2.50 3.21 5.16
C3C HEM C . 2.64 2.06 5.92
C4C HEM C . 1.97 1.02 5.19
CMC HEM C . 3.00 4.60 5.47
CAC HEM C . 3.29 1.84 7.22
CBC HEM C . 3.61 2.81 8.05
C1D HEM C . 1.29 -1.29 4.81
C2D HEM C . 1.39 -2.73 5.13
C3D HEM C . 0.67 -3.38 4.21
C4D HEM C . 0.13 -2.33 3.32
CMD HEM C . 2.19 -3.34 6.25
CAD HEM C . 0.52 -4.89 4.05
CBD HEM C . -0.65 -5.41 4.79
CGD HEM C . -0.65 -6.92 4.69
O1D HEM C . -0.02 -7.54 3.75
O2D HEM C . -1.20 -7.59 5.57
NA HEM C . -1.02 -0.35 1.49
NB HEM C . -0.15 2.30 1.78
NC HEM C . 1.47 1.54 4.04
ND HEM C . 0.53 -1.11 3.73
FE HEM C . 0.06 0.59 2.90
MG MG D . -4.24 -7.94 -0.70
CL CL E . 11.34 12.58 2.58
C1 NAG F . 12.95 19.08 15.48
C2 NAG F . 13.72 20.12 16.29
C3 NAG F . 14.30 19.47 17.54
C4 NAG F . 13.18 18.80 18.30
C5 NAG F . 12.62 17.71 17.37
C6 NAG F . 11.69 16.73 18.06
C7 NAG F . 14.74 21.99 15.09
C8 NAG F . 15.81 22.42 14.13
N2 NAG F . 14.74 20.69 15.43
O3 NAG F . 14.94 20.43 18.37
O4 NAG F . 13.65 18.26 19.54
O5 NAG F . 11.99 18.40 16.28
O6 NAG F . 10.32 17.10 17.87
O7 NAG F . 13.90 22.76 15.53
C1 NAG G . 3.50 3.90 -23.39
C2 NAG G . 4.46 2.89 -24.05
C3 NAG G . 5.61 3.65 -24.69
C4 NAG G . 5.07 4.70 -25.63
C5 NAG G . 3.95 5.55 -25.03
C6 NAG G . 3.30 6.38 -26.14
C7 NAG G . 4.44 0.66 -23.01
C8 NAG G . 5.18 -0.27 -22.10
N2 NAG G . 5.01 1.86 -23.17
O3 NAG G . 6.43 2.76 -25.45
O4 NAG G . 6.15 5.56 -25.92
O5 NAG G . 2.94 4.77 -24.39
O6 NAG G . 2.28 7.11 -25.49
O7 NAG G . 3.39 0.29 -23.54
C1 NAG H . -8.80 -16.14 7.46
C2 NAG H . -10.12 -16.43 6.79
C3 NAG H . -10.38 -17.95 6.86
C4 NAG H . -9.19 -18.63 6.17
C5 NAG H . -7.88 -18.29 6.87
C6 NAG H . -6.62 -18.93 6.27
C7 NAG H . -11.51 -15.57 8.60
C8 NAG H . -12.72 -14.72 8.93
N2 NAG H . -11.21 -15.61 7.33
O3 NAG H . -11.66 -18.21 6.19
O4 NAG H . -9.33 -20.05 6.12
O5 NAG H . -7.76 -16.86 6.76
O6 NAG H . -6.55 -18.54 4.88
O7 NAG H . -10.88 -16.19 9.45
C1 NAG I . 15.91 -11.44 12.67
C2 NAG I . 17.32 -10.96 12.25
C3 NAG I . 18.26 -12.19 12.21
C4 NAG I . 18.22 -12.88 13.53
C5 NAG I . 16.80 -13.14 14.05
C6 NAG I . 16.82 -13.59 15.53
C7 NAG I . 17.44 -8.99 10.79
C8 NAG I . 17.51 -8.50 9.41
N2 NAG I . 17.35 -10.31 10.96
O3 NAG I . 19.60 -11.76 11.98
O4 NAG I . 19.04 -14.04 13.39
O5 NAG I . 15.98 -11.92 13.98
O6 NAG I . 17.15 -12.51 16.42
O7 NAG I . 17.51 -8.18 11.68
C1 NAG J . -9.27 -12.64 -10.93
C2 NAG J . -9.80 -11.50 -10.04
C3 NAG J . -10.23 -10.38 -10.98
C4 NAG J . -9.01 -9.94 -11.75
C5 NAG J . -8.43 -11.09 -12.55
C6 NAG J . -7.19 -10.56 -13.25
C7 NAG J . -10.73 -12.33 -7.87
C8 NAG J . -11.89 -12.19 -6.91
N2 NAG J . -10.89 -11.80 -9.10
O3 NAG J . -10.78 -9.29 -10.23
O4 NAG J . -9.35 -8.89 -12.66
O5 NAG J . -8.13 -12.20 -11.68
O6 NAG J . -6.41 -11.67 -13.72
O7 NAG J . -9.67 -12.87 -7.51
C2 7UT K . 10.01 3.97 -9.23
C4 7UT K . 9.78 4.87 -6.91
C6 7UT K . 9.30 4.58 -4.43
C7 7UT K . 8.27 3.67 -3.75
C9 7UT K . 7.98 1.81 -2.14
C11 7UT K . 7.21 -0.42 -3.08
C12 7UT K . 7.95 -1.17 -4.12
O1 7UT K . 8.02 2.96 -10.09
O2 7UT K . 9.74 3.04 -11.48
C01 7UT K . 9.83 -2.60 -4.20
C1 7UT K . 9.22 3.27 -10.31
O01 7UT K . 8.65 -2.26 -3.51
C3 7UT K . 9.26 3.83 -7.90
C5 7UT K . 8.74 5.09 -5.78
C8 7UT K . 8.98 2.79 -2.66
C10 7UT K . 7.39 1.07 -3.38
#